data_3MCQ
#
_entry.id   3MCQ
#
_cell.length_a   59.225
_cell.length_b   59.225
_cell.length_c   159.766
_cell.angle_alpha   90.000
_cell.angle_beta   90.000
_cell.angle_gamma   120.000
#
_symmetry.space_group_name_H-M   'P 31 2 1'
#
loop_
_entity.id
_entity.type
_entity.pdbx_description
1 polymer 'Thiamine-monophosphate kinase'
2 non-polymer 'SODIUM ION'
3 non-polymer DI(HYDROXYETHYL)ETHER
4 non-polymer 'TRIETHYLENE GLYCOL'
5 non-polymer 'TETRAETHYLENE GLYCOL'
6 non-polymer 'PENTAETHYLENE GLYCOL'
7 water water
#
_entity_poly.entity_id   1
_entity_poly.type   'polypeptide(L)'
_entity_poly.pdbx_seq_one_letter_code
;G(MSE)ASEFDLIQRYFRRAHPSAVLGVGDDAALIQPSPG(MSE)ELAVSAD(MSE)LVANTHFYPNIDPWLIGWKSLAV
NISD(MSE)AA(MSE)GAQPRWATLTIALPEADEDWISKFAAGFFACAAQFDIALIGGDTTRGPLTISVQI(MSE)GETP
PGASLLRSTARADDDIWVSGPLGDAALALAAIQGRYPLSDTELAACGKALHQPQPRVVLGQALRGLAHSALDISDGLLAD
LGHILEHSQVGAEVWLKAIPKSEVVSAHSQEVAIQK(MSE)ILSGGDDYELCFTASTQHRQQIADIGRQLSLD(MSE)AV
IGRITDTQQLVIHGLDDAPLTLKEHGFDHFA
;
_entity_poly.pdbx_strand_id   A
#
# COMPACT_ATOMS: atom_id res chain seq x y z
N LEU A 8 37.95 4.26 10.85
CA LEU A 8 38.95 5.34 11.14
C LEU A 8 39.20 6.26 9.95
N ILE A 9 39.32 5.67 8.75
CA ILE A 9 39.49 6.45 7.50
C ILE A 9 38.15 7.03 7.03
N GLN A 10 38.17 8.31 6.65
CA GLN A 10 36.98 9.02 6.17
C GLN A 10 36.89 8.91 4.64
N ARG A 11 35.94 8.10 4.18
CA ARG A 11 35.59 8.00 2.77
C ARG A 11 34.40 8.88 2.49
N TYR A 12 34.09 9.13 1.22
CA TYR A 12 32.94 9.97 0.91
C TYR A 12 31.60 9.43 1.36
N PHE A 13 31.48 8.10 1.38
CA PHE A 13 30.29 7.39 1.75
C PHE A 13 30.63 6.24 2.70
N ARG A 14 29.68 5.95 3.58
CA ARG A 14 29.67 4.76 4.39
C ARG A 14 28.79 3.79 3.64
N ARG A 15 29.15 2.52 3.67
CA ARG A 15 28.39 1.49 3.01
C ARG A 15 27.77 0.55 4.06
N ALA A 16 26.62 -0.02 3.77
CA ALA A 16 25.97 -0.99 4.66
C ALA A 16 26.69 -2.33 4.67
N HIS A 17 26.72 -2.95 5.85
CA HIS A 17 27.34 -4.26 6.03
C HIS A 17 26.36 -5.26 6.66
N PRO A 18 26.62 -6.56 6.48
CA PRO A 18 25.71 -7.55 7.02
C PRO A 18 25.46 -7.39 8.50
N SER A 19 24.19 -7.49 8.90
CA SER A 19 23.75 -7.27 10.28
C SER A 19 23.50 -8.62 10.98
N ALA A 20 24.15 -8.83 12.10
CA ALA A 20 23.96 -10.03 12.90
C ALA A 20 22.52 -10.18 13.43
N VAL A 21 21.86 -9.05 13.70
CA VAL A 21 20.46 -9.06 14.15
C VAL A 21 19.51 -9.51 13.05
N LEU A 22 19.77 -9.07 11.80
CA LEU A 22 18.97 -9.55 10.69
C LEU A 22 19.35 -10.99 10.27
N GLY A 23 20.56 -11.43 10.57
CA GLY A 23 20.96 -12.85 10.48
C GLY A 23 20.88 -13.55 9.14
N VAL A 24 20.97 -12.82 8.03
CA VAL A 24 20.87 -13.43 6.70
C VAL A 24 22.19 -14.11 6.32
N GLY A 25 22.14 -15.40 5.96
CA GLY A 25 23.32 -16.11 5.44
C GLY A 25 23.73 -15.60 4.07
N ASP A 26 25.03 -15.63 3.76
CA ASP A 26 25.51 -15.12 2.47
CA ASP A 26 25.57 -15.18 2.46
C ASP A 26 25.03 -16.00 1.28
N ASP A 27 24.75 -17.29 1.53
CA ASP A 27 24.12 -18.16 0.52
C ASP A 27 22.63 -17.81 0.20
N ALA A 28 21.96 -17.04 1.05
CA ALA A 28 20.59 -16.60 0.77
C ALA A 28 20.46 -15.68 -0.45
N ALA A 29 21.56 -15.05 -0.89
CA ALA A 29 21.55 -14.20 -2.06
C ALA A 29 21.23 -14.91 -3.38
N LEU A 30 21.24 -16.26 -3.42
CA LEU A 30 20.89 -17.03 -4.62
C LEU A 30 19.49 -17.54 -4.49
N ILE A 31 18.67 -17.28 -5.50
CA ILE A 31 17.28 -17.70 -5.55
C ILE A 31 17.01 -18.47 -6.84
N GLN A 32 15.95 -19.27 -6.82
CA GLN A 32 15.53 -20.02 -8.01
CA GLN A 32 15.52 -20.01 -8.01
C GLN A 32 14.11 -19.58 -8.41
N PRO A 33 13.99 -18.74 -9.46
CA PRO A 33 12.63 -18.40 -9.91
C PRO A 33 11.92 -19.62 -10.47
N SER A 34 10.62 -19.73 -10.22
CA SER A 34 9.82 -20.82 -10.79
C SER A 34 9.89 -20.82 -12.32
N PRO A 35 10.15 -21.98 -12.95
CA PRO A 35 10.20 -21.96 -14.41
C PRO A 35 8.88 -21.47 -15.01
N GLY A 36 8.98 -20.70 -16.08
CA GLY A 36 7.81 -20.13 -16.72
C GLY A 36 7.33 -18.79 -16.17
N GLU A 38 7.49 -14.79 -14.88
CA GLU A 38 8.21 -13.52 -14.81
C GLU A 38 8.34 -13.10 -13.35
N LEU A 39 9.32 -12.24 -13.09
CA LEU A 39 9.52 -11.65 -11.76
C LEU A 39 9.09 -10.19 -11.77
N ALA A 40 8.36 -9.78 -10.74
CA ALA A 40 7.96 -8.40 -10.51
C ALA A 40 8.89 -7.88 -9.44
N VAL A 41 9.49 -6.71 -9.65
CA VAL A 41 10.48 -6.15 -8.73
C VAL A 41 10.06 -4.72 -8.36
N SER A 42 10.08 -4.41 -7.06
CA SER A 42 9.81 -3.05 -6.59
C SER A 42 10.82 -2.69 -5.52
N ALA A 43 11.42 -1.51 -5.62
CA ALA A 43 12.38 -1.02 -4.61
C ALA A 43 11.80 0.24 -4.01
N ASP A 44 12.11 0.51 -2.75
CA ASP A 44 11.49 1.60 -2.01
C ASP A 44 12.50 2.17 -1.04
N LEU A 46 12.32 4.74 2.59
CA LEU A 46 11.56 5.48 3.58
C LEU A 46 12.55 6.35 4.38
N VAL A 47 12.27 7.64 4.43
CA VAL A 47 13.09 8.59 5.17
C VAL A 47 12.33 9.10 6.41
N ALA A 48 12.94 9.04 7.60
CA ALA A 48 12.29 9.53 8.83
C ALA A 48 11.98 11.01 8.72
N ASN A 49 10.77 11.40 9.10
CA ASN A 49 10.31 12.78 9.01
C ASN A 49 10.69 13.52 10.30
N THR A 50 11.64 14.43 10.18
CA THR A 50 12.07 15.23 11.34
C THR A 50 10.95 16.14 11.93
N HIS A 51 9.93 16.46 11.12
CA HIS A 51 8.74 17.21 11.60
C HIS A 51 7.67 16.34 12.28
N PHE A 52 7.80 15.02 12.21
CA PHE A 52 6.90 14.11 12.93
C PHE A 52 7.63 12.78 13.13
N TYR A 53 8.60 12.81 14.04
CA TYR A 53 9.62 11.75 14.09
C TYR A 53 9.03 10.46 14.65
N PRO A 54 9.40 9.31 14.04
CA PRO A 54 8.80 8.04 14.49
C PRO A 54 9.34 7.56 15.86
N ASN A 55 9.03 8.30 16.93
CA ASN A 55 9.36 7.88 18.30
C ASN A 55 8.23 7.02 18.80
N ILE A 56 8.12 5.83 18.21
CA ILE A 56 7.03 4.87 18.40
C ILE A 56 7.66 3.51 18.45
N ASP A 57 6.86 2.49 18.71
CA ASP A 57 7.32 1.12 18.82
C ASP A 57 8.03 0.66 17.55
N PRO A 58 9.34 0.35 17.65
CA PRO A 58 10.04 -0.06 16.45
C PRO A 58 9.51 -1.35 15.81
N TRP A 59 8.88 -2.22 16.60
CA TRP A 59 8.20 -3.38 16.05
C TRP A 59 7.22 -2.95 14.94
N LEU A 60 6.41 -1.93 15.22
CA LEU A 60 5.44 -1.42 14.23
C LEU A 60 6.12 -0.79 12.99
N ILE A 61 7.25 -0.12 13.22
CA ILE A 61 8.03 0.46 12.14
C ILE A 61 8.51 -0.66 11.20
N GLY A 62 9.03 -1.73 11.79
CA GLY A 62 9.45 -2.88 10.98
C GLY A 62 8.33 -3.58 10.22
N TRP A 63 7.23 -3.81 10.92
CA TRP A 63 6.08 -4.50 10.34
C TRP A 63 5.58 -3.71 9.14
N LYS A 64 5.30 -2.43 9.35
CA LYS A 64 4.67 -1.59 8.29
C LYS A 64 5.68 -1.27 7.16
N SER A 65 6.97 -1.16 7.47
CA SER A 65 7.98 -0.97 6.42
C SER A 65 7.91 -2.07 5.36
N LEU A 66 7.76 -3.33 5.77
CA LEU A 66 7.60 -4.39 4.78
C LEU A 66 6.21 -4.35 4.17
N ALA A 67 5.19 -4.19 5.00
CA ALA A 67 3.78 -4.21 4.53
C ALA A 67 3.53 -3.31 3.32
N VAL A 68 4.05 -2.10 3.38
CA VAL A 68 3.78 -1.11 2.30
C VAL A 68 4.46 -1.54 0.99
N ASN A 69 5.54 -2.30 1.08
CA ASN A 69 6.16 -2.89 -0.10
C ASN A 69 5.46 -4.12 -0.61
N ILE A 70 4.91 -4.91 0.32
CA ILE A 70 4.07 -6.03 -0.06
C ILE A 70 2.84 -5.48 -0.82
N SER A 71 2.32 -4.33 -0.40
CA SER A 71 1.20 -3.71 -1.11
C SER A 71 1.53 -3.35 -2.57
N ASP A 72 2.75 -2.90 -2.84
CA ASP A 72 3.23 -2.70 -4.24
C ASP A 72 3.21 -4.00 -5.05
N ALA A 74 1.08 -6.57 -4.43
CA ALA A 74 -0.36 -6.81 -4.59
C ALA A 74 -0.96 -6.01 -5.74
N ALA A 75 -0.56 -4.75 -5.85
CA ALA A 75 -0.99 -3.88 -6.91
C ALA A 75 -0.61 -4.39 -8.31
N GLY A 77 -0.40 -7.77 -8.91
CA GLY A 77 -0.90 -9.13 -8.97
C GLY A 77 0.15 -10.22 -8.81
N ALA A 78 1.27 -9.88 -8.19
CA ALA A 78 2.40 -10.80 -8.03
C ALA A 78 2.33 -11.58 -6.71
N GLN A 79 2.88 -12.79 -6.74
CA GLN A 79 3.10 -13.59 -5.52
CA GLN A 79 3.09 -13.59 -5.52
C GLN A 79 4.45 -13.20 -4.91
N PRO A 80 4.44 -12.45 -3.77
CA PRO A 80 5.75 -12.05 -3.21
C PRO A 80 6.49 -13.28 -2.74
N ARG A 81 7.79 -13.32 -2.94
CA ARG A 81 8.59 -14.42 -2.45
C ARG A 81 9.85 -14.00 -1.69
N TRP A 82 10.51 -12.91 -2.08
CA TRP A 82 11.81 -12.53 -1.52
C TRP A 82 11.87 -11.04 -1.24
N ALA A 83 12.64 -10.67 -0.22
CA ALA A 83 12.92 -9.27 0.05
C ALA A 83 14.37 -9.08 0.45
N THR A 84 14.85 -7.85 0.24
CA THR A 84 16.13 -7.43 0.79
C THR A 84 15.86 -6.20 1.65
N LEU A 85 16.74 -5.93 2.61
CA LEU A 85 16.56 -4.82 3.54
C LEU A 85 17.89 -4.14 3.78
N THR A 86 17.93 -2.83 3.68
CA THR A 86 19.09 -2.06 4.12
C THR A 86 18.56 -0.90 4.95
N ILE A 87 19.29 -0.55 6.01
CA ILE A 87 18.85 0.47 6.97
CA ILE A 87 18.84 0.51 6.91
C ILE A 87 20.01 1.32 7.44
N ALA A 88 19.83 2.65 7.43
CA ALA A 88 20.75 3.57 8.10
C ALA A 88 20.14 3.86 9.44
N LEU A 89 20.90 3.57 10.50
CA LEU A 89 20.46 3.71 11.86
C LEU A 89 21.18 4.91 12.48
N PRO A 90 20.43 5.87 13.06
CA PRO A 90 21.05 7.15 13.49
C PRO A 90 21.91 7.07 14.75
N GLU A 91 21.77 5.99 15.52
CA GLU A 91 22.74 5.67 16.57
C GLU A 91 22.74 4.16 16.81
N ALA A 92 23.77 3.65 17.48
CA ALA A 92 23.82 2.23 17.87
C ALA A 92 22.79 2.06 18.97
N ASP A 93 21.75 1.27 18.70
CA ASP A 93 20.64 1.08 19.64
C ASP A 93 20.14 -0.31 19.40
N GLU A 94 20.60 -1.23 20.23
CA GLU A 94 20.40 -2.65 20.00
C GLU A 94 18.92 -2.98 20.10
N ASP A 95 18.26 -2.36 21.08
CA ASP A 95 16.85 -2.54 21.33
C ASP A 95 16.01 -2.14 20.11
N TRP A 96 16.34 -1.00 19.52
CA TRP A 96 15.62 -0.49 18.35
C TRP A 96 15.66 -1.48 17.17
N ILE A 97 16.86 -1.91 16.78
CA ILE A 97 17.01 -2.76 15.61
C ILE A 97 16.45 -4.20 15.86
N SER A 98 16.56 -4.67 17.10
CA SER A 98 16.02 -5.98 17.44
CA SER A 98 16.00 -5.96 17.50
C SER A 98 14.48 -5.95 17.33
N LYS A 99 13.87 -4.86 17.80
CA LYS A 99 12.43 -4.72 17.74
C LYS A 99 11.94 -4.49 16.31
N PHE A 100 12.59 -3.60 15.57
CA PHE A 100 12.34 -3.47 14.13
C PHE A 100 12.41 -4.84 13.41
N ALA A 101 13.48 -5.57 13.64
CA ALA A 101 13.69 -6.89 12.98
C ALA A 101 12.52 -7.85 13.27
N ALA A 102 12.11 -7.93 14.54
CA ALA A 102 10.97 -8.78 14.96
C ALA A 102 9.71 -8.45 14.18
N GLY A 103 9.40 -7.17 14.06
CA GLY A 103 8.20 -6.77 13.35
C GLY A 103 8.29 -7.01 11.85
N PHE A 104 9.45 -6.69 11.29
CA PHE A 104 9.73 -6.95 9.87
C PHE A 104 9.56 -8.45 9.59
N PHE A 105 10.20 -9.28 10.41
CA PHE A 105 10.13 -10.75 10.25
C PHE A 105 8.75 -11.33 10.46
N ALA A 106 7.98 -10.74 11.38
CA ALA A 106 6.57 -11.14 11.60
C ALA A 106 5.73 -10.90 10.34
N CYS A 107 5.87 -9.71 9.77
CA CYS A 107 5.18 -9.42 8.52
C CYS A 107 5.63 -10.39 7.40
N ALA A 108 6.93 -10.61 7.26
CA ALA A 108 7.44 -11.58 6.26
C ALA A 108 6.85 -12.99 6.45
N ALA A 109 6.77 -13.44 7.70
CA ALA A 109 6.28 -14.77 7.98
C ALA A 109 4.81 -14.89 7.56
N GLN A 110 4.04 -13.85 7.87
CA GLN A 110 2.62 -13.83 7.57
C GLN A 110 2.35 -13.96 6.08
N PHE A 111 3.28 -13.43 5.26
CA PHE A 111 3.13 -13.47 3.82
C PHE A 111 4.10 -14.39 3.13
N ASP A 112 4.77 -15.29 3.89
CA ASP A 112 5.68 -16.29 3.31
C ASP A 112 6.84 -15.71 2.47
N ILE A 113 7.42 -14.62 2.96
CA ILE A 113 8.51 -13.93 2.26
C ILE A 113 9.85 -14.24 2.93
N ALA A 114 10.86 -14.67 2.15
CA ALA A 114 12.21 -14.91 2.68
C ALA A 114 13.05 -13.62 2.53
N LEU A 115 13.81 -13.29 3.57
CA LEU A 115 14.72 -12.16 3.55
C LEU A 115 16.05 -12.69 3.05
N ILE A 116 16.49 -12.20 1.91
CA ILE A 116 17.69 -12.70 1.25
C ILE A 116 18.84 -11.70 1.30
N GLY A 117 18.64 -10.56 1.96
CA GLY A 117 19.73 -9.64 2.27
C GLY A 117 19.30 -8.76 3.42
N GLY A 118 20.21 -8.51 4.36
CA GLY A 118 19.92 -7.64 5.50
C GLY A 118 21.18 -6.94 5.96
N ASP A 119 21.32 -5.67 5.59
CA ASP A 119 22.55 -4.92 5.88
C ASP A 119 22.23 -3.62 6.56
N THR A 120 23.12 -3.13 7.41
CA THR A 120 22.92 -1.83 8.02
C THR A 120 24.19 -0.97 8.01
N THR A 121 23.96 0.32 8.16
CA THR A 121 24.99 1.34 8.28
C THR A 121 24.53 2.41 9.27
N ARG A 122 25.34 3.45 9.41
CA ARG A 122 25.10 4.53 10.34
C ARG A 122 24.72 5.80 9.60
N GLY A 123 23.62 6.42 10.00
CA GLY A 123 23.19 7.69 9.45
C GLY A 123 21.75 7.99 9.80
N PRO A 124 21.24 9.17 9.40
CA PRO A 124 19.84 9.55 9.61
C PRO A 124 18.90 8.44 9.11
N LEU A 125 17.88 8.14 9.91
CA LEU A 125 17.08 6.93 9.74
C LEU A 125 16.45 6.83 8.34
N THR A 126 16.83 5.79 7.61
CA THR A 126 16.45 5.58 6.21
C THR A 126 16.34 4.08 6.06
N ILE A 127 15.24 3.61 5.49
CA ILE A 127 14.94 2.17 5.36
C ILE A 127 14.66 1.85 3.90
N SER A 128 15.44 0.96 3.28
CA SER A 128 15.21 0.57 1.88
C SER A 128 14.91 -0.90 1.79
N VAL A 129 13.80 -1.19 1.12
CA VAL A 129 13.31 -2.52 0.93
C VAL A 129 13.18 -2.72 -0.55
N GLN A 130 13.68 -3.86 -1.02
CA GLN A 130 13.40 -4.32 -2.34
CA GLN A 130 13.35 -4.32 -2.37
C GLN A 130 12.58 -5.62 -2.23
N ILE A 131 11.48 -5.73 -2.93
CA ILE A 131 10.64 -6.90 -2.87
C ILE A 131 10.54 -7.50 -4.28
N GLY A 133 8.61 -10.75 -6.60
CA GLY A 133 7.54 -11.75 -6.65
C GLY A 133 7.41 -12.36 -8.01
N GLU A 134 6.54 -13.36 -8.12
CA GLU A 134 6.31 -14.10 -9.36
C GLU A 134 4.93 -13.85 -9.94
N THR A 135 4.87 -13.70 -11.27
CA THR A 135 3.60 -13.56 -12.03
C THR A 135 3.73 -14.35 -13.32
N PRO A 136 2.62 -14.94 -13.81
CA PRO A 136 2.70 -15.51 -15.16
C PRO A 136 2.96 -14.43 -16.24
N PRO A 137 3.63 -14.80 -17.35
CA PRO A 137 3.89 -13.77 -18.38
C PRO A 137 2.57 -13.20 -18.93
N GLY A 138 2.53 -11.87 -19.08
CA GLY A 138 1.32 -11.16 -19.46
C GLY A 138 0.20 -11.03 -18.43
N ALA A 139 0.34 -11.63 -17.24
CA ALA A 139 -0.78 -11.64 -16.28
C ALA A 139 -0.64 -10.53 -15.21
N SER A 140 0.38 -9.68 -15.35
CA SER A 140 0.63 -8.57 -14.42
CA SER A 140 0.59 -8.60 -14.39
C SER A 140 -0.42 -7.47 -14.56
N LEU A 141 -0.69 -6.77 -13.45
CA LEU A 141 -1.54 -5.61 -13.43
C LEU A 141 -0.66 -4.37 -13.41
N LEU A 142 -0.90 -3.41 -14.29
CA LEU A 142 -0.12 -2.15 -14.36
CA LEU A 142 -0.12 -2.16 -14.37
C LEU A 142 -1.03 -0.97 -14.11
N ARG A 143 -0.43 0.17 -13.76
CA ARG A 143 -1.18 1.43 -13.59
C ARG A 143 -1.53 2.13 -14.93
N SER A 144 -0.90 1.70 -16.03
CA SER A 144 -0.93 2.45 -17.31
C SER A 144 -2.02 1.97 -18.30
N THR A 145 -2.85 1.02 -17.91
CA THR A 145 -3.64 0.23 -18.86
C THR A 145 -5.17 0.26 -18.60
N ALA A 146 -5.63 1.32 -17.95
CA ALA A 146 -7.06 1.53 -17.70
C ALA A 146 -7.75 1.90 -18.99
N ARG A 147 -9.02 1.52 -19.10
CA ARG A 147 -9.80 1.67 -20.34
C ARG A 147 -11.10 2.43 -20.11
N ALA A 148 -11.57 3.09 -21.17
CA ALA A 148 -12.83 3.83 -21.16
C ALA A 148 -13.97 2.89 -20.82
N ASP A 149 -14.88 3.34 -19.95
CA ASP A 149 -16.01 2.54 -19.42
C ASP A 149 -15.65 1.37 -18.48
N ASP A 150 -14.44 1.40 -17.93
CA ASP A 150 -14.11 0.53 -16.82
C ASP A 150 -14.86 1.05 -15.62
N ASP A 151 -15.37 0.13 -14.81
CA ASP A 151 -15.68 0.45 -13.41
C ASP A 151 -14.40 0.77 -12.69
N ILE A 152 -14.44 1.73 -11.75
CA ILE A 152 -13.33 1.97 -10.82
C ILE A 152 -13.75 1.38 -9.48
N TRP A 153 -12.95 0.43 -9.00
CA TRP A 153 -13.18 -0.25 -7.73
C TRP A 153 -12.17 0.21 -6.71
N VAL A 154 -12.60 0.19 -5.44
CA VAL A 154 -11.75 0.35 -4.28
C VAL A 154 -11.96 -0.90 -3.40
N SER A 155 -10.87 -1.49 -2.89
CA SER A 155 -10.95 -2.80 -2.20
C SER A 155 -11.35 -2.72 -0.72
N GLY A 156 -11.50 -1.53 -0.16
CA GLY A 156 -11.82 -1.42 1.26
C GLY A 156 -11.96 0.02 1.67
N PRO A 157 -12.32 0.26 2.94
CA PRO A 157 -12.50 1.63 3.44
C PRO A 157 -11.29 2.53 3.36
N LEU A 158 -11.55 3.77 3.00
CA LEU A 158 -10.54 4.79 2.89
C LEU A 158 -10.71 5.86 3.96
N GLY A 159 -9.59 6.41 4.43
CA GLY A 159 -9.59 7.53 5.34
C GLY A 159 -9.20 7.22 6.77
N ASP A 160 -9.24 5.95 7.19
CA ASP A 160 -8.97 5.60 8.61
C ASP A 160 -7.58 5.98 9.08
N ALA A 161 -6.58 5.64 8.27
CA ALA A 161 -5.17 5.91 8.60
C ALA A 161 -4.94 7.42 8.73
N ALA A 162 -5.48 8.19 7.79
CA ALA A 162 -5.40 9.65 7.85
C ALA A 162 -6.15 10.22 9.07
N LEU A 163 -7.31 9.65 9.42
CA LEU A 163 -8.06 10.12 10.57
C LEU A 163 -7.33 9.80 11.86
N ALA A 164 -6.81 8.58 11.97
CA ALA A 164 -5.97 8.22 13.12
C ALA A 164 -4.81 9.19 13.29
N LEU A 165 -4.12 9.47 12.18
CA LEU A 165 -2.99 10.40 12.18
C LEU A 165 -3.41 11.80 12.61
N ALA A 166 -4.49 12.32 12.05
CA ALA A 166 -5.03 13.63 12.42
C ALA A 166 -5.34 13.71 13.90
N ALA A 167 -5.93 12.66 14.46
CA ALA A 167 -6.24 12.60 15.90
C ALA A 167 -4.98 12.59 16.75
N ILE A 168 -4.02 11.72 16.41
CA ILE A 168 -2.71 11.70 17.11
C ILE A 168 -2.01 13.07 17.08
N GLN A 169 -2.17 13.82 15.99
CA GLN A 169 -1.53 15.14 15.81
C GLN A 169 -2.35 16.29 16.39
N GLY A 170 -3.40 15.99 17.16
CA GLY A 170 -4.29 17.01 17.71
C GLY A 170 -5.07 17.81 16.68
N ARG A 171 -5.20 17.32 15.44
CA ARG A 171 -5.84 18.08 14.36
C ARG A 171 -7.34 17.81 14.27
N TYR A 172 -7.80 16.61 14.63
CA TYR A 172 -9.23 16.27 14.63
C TYR A 172 -9.60 15.52 15.91
N PRO A 173 -10.75 15.87 16.56
CA PRO A 173 -11.07 15.20 17.80
C PRO A 173 -11.71 13.82 17.57
N LEU A 174 -11.09 12.79 18.11
CA LEU A 174 -11.68 11.45 18.18
C LEU A 174 -11.78 11.07 19.62
N SER A 175 -12.77 10.25 19.95
CA SER A 175 -12.77 9.57 21.25
C SER A 175 -11.73 8.47 21.24
N ASP A 176 -11.38 7.99 22.44
CA ASP A 176 -10.49 6.85 22.59
C ASP A 176 -11.02 5.62 21.82
N THR A 177 -12.33 5.36 21.89
CA THR A 177 -12.92 4.22 21.17
C THR A 177 -12.79 4.38 19.64
N GLU A 178 -13.07 5.56 19.15
CA GLU A 178 -12.92 5.83 17.71
C GLU A 178 -11.48 5.72 17.25
N LEU A 179 -10.56 6.28 18.03
CA LEU A 179 -9.13 6.18 17.72
C LEU A 179 -8.63 4.71 17.78
N ALA A 180 -9.08 3.92 18.75
CA ALA A 180 -8.70 2.48 18.77
C ALA A 180 -9.13 1.76 17.48
N ALA A 181 -10.24 2.20 16.88
CA ALA A 181 -10.74 1.62 15.66
C ALA A 181 -9.89 2.02 14.44
N CYS A 182 -9.70 3.30 14.20
CA CYS A 182 -8.99 3.82 13.03
CA CYS A 182 -9.01 3.69 12.97
C CYS A 182 -7.49 3.54 13.08
N GLY A 183 -6.95 3.46 14.30
CA GLY A 183 -5.53 3.27 14.52
C GLY A 183 -4.97 1.97 13.98
N LYS A 184 -5.81 0.93 13.90
CA LYS A 184 -5.38 -0.35 13.31
C LYS A 184 -4.97 -0.20 11.84
N ALA A 185 -5.71 0.61 11.09
CA ALA A 185 -5.45 0.87 9.71
C ALA A 185 -4.14 1.67 9.56
N LEU A 186 -3.83 2.57 10.50
CA LEU A 186 -2.56 3.34 10.48
C LEU A 186 -1.34 2.46 10.72
N HIS A 187 -1.38 1.69 11.79
CA HIS A 187 -0.23 0.98 12.25
C HIS A 187 0.00 -0.36 11.52
N GLN A 188 -1.06 -1.07 11.13
CA GLN A 188 -0.90 -2.34 10.43
C GLN A 188 -1.82 -2.47 9.26
N PRO A 189 -1.52 -1.73 8.19
CA PRO A 189 -2.29 -1.92 6.96
C PRO A 189 -2.09 -3.36 6.44
N GLN A 190 -3.17 -3.97 5.97
CA GLN A 190 -3.13 -5.35 5.53
C GLN A 190 -2.99 -5.36 4.00
N PRO A 191 -1.81 -5.76 3.49
CA PRO A 191 -1.66 -5.77 2.00
C PRO A 191 -2.57 -6.79 1.30
N ARG A 192 -3.18 -6.39 0.20
CA ARG A 192 -4.20 -7.19 -0.45
C ARG A 192 -3.63 -8.14 -1.48
N VAL A 193 -2.77 -9.04 -1.00
CA VAL A 193 -1.97 -9.93 -1.84
C VAL A 193 -2.81 -10.95 -2.59
N VAL A 194 -3.73 -11.59 -1.88
CA VAL A 194 -4.57 -12.63 -2.47
C VAL A 194 -5.56 -12.00 -3.44
N LEU A 195 -6.11 -10.82 -3.10
CA LEU A 195 -6.95 -10.08 -4.04
C LEU A 195 -6.22 -9.83 -5.36
N GLY A 196 -5.00 -9.31 -5.27
CA GLY A 196 -4.26 -8.95 -6.44
C GLY A 196 -4.08 -10.14 -7.37
N GLN A 197 -3.70 -11.29 -6.81
CA GLN A 197 -3.59 -12.53 -7.57
C GLN A 197 -4.93 -12.95 -8.18
N ALA A 198 -6.02 -12.81 -7.42
CA ALA A 198 -7.36 -13.12 -7.91
C ALA A 198 -7.83 -12.19 -9.03
N LEU A 199 -7.28 -10.98 -9.13
CA LEU A 199 -7.71 -10.01 -10.16
C LEU A 199 -7.02 -10.14 -11.52
N ARG A 200 -6.01 -11.02 -11.62
CA ARG A 200 -5.40 -11.39 -12.89
C ARG A 200 -6.46 -11.88 -13.84
N GLY A 201 -6.49 -11.35 -15.05
CA GLY A 201 -7.53 -11.68 -16.00
C GLY A 201 -8.82 -10.89 -15.90
N LEU A 202 -9.06 -10.22 -14.77
CA LEU A 202 -10.29 -9.48 -14.52
C LEU A 202 -10.07 -7.97 -14.50
N ALA A 203 -9.04 -7.51 -13.81
CA ALA A 203 -8.77 -6.08 -13.74
C ALA A 203 -7.97 -5.66 -14.96
N HIS A 204 -8.29 -4.49 -15.50
CA HIS A 204 -7.50 -3.87 -16.58
C HIS A 204 -6.29 -3.07 -16.08
N SER A 205 -6.38 -2.53 -14.87
CA SER A 205 -5.32 -1.73 -14.25
C SER A 205 -5.47 -1.76 -12.77
N ALA A 206 -4.36 -1.55 -12.05
CA ALA A 206 -4.41 -1.47 -10.59
C ALA A 206 -3.28 -0.64 -10.03
N LEU A 207 -3.53 -0.05 -8.88
CA LEU A 207 -2.51 0.64 -8.10
C LEU A 207 -2.98 0.66 -6.66
N ASP A 208 -2.04 0.53 -5.74
CA ASP A 208 -2.41 0.66 -4.34
C ASP A 208 -2.55 2.15 -4.00
N ILE A 209 -3.35 2.43 -2.99
CA ILE A 209 -3.64 3.77 -2.57
C ILE A 209 -2.77 4.08 -1.36
N SER A 210 -1.61 4.66 -1.60
CA SER A 210 -0.67 5.06 -0.56
C SER A 210 -0.71 6.54 -0.27
N ASP A 211 -0.93 7.37 -1.29
CA ASP A 211 -0.99 8.84 -1.13
C ASP A 211 -2.38 9.39 -1.31
N GLY A 212 -3.36 8.49 -1.31
CA GLY A 212 -4.79 8.85 -1.32
C GLY A 212 -5.40 8.60 -2.67
N LEU A 213 -6.73 8.48 -2.71
CA LEU A 213 -7.45 8.09 -3.92
C LEU A 213 -7.19 9.07 -5.06
N LEU A 214 -7.29 10.38 -4.80
CA LEU A 214 -7.08 11.39 -5.83
C LEU A 214 -5.69 11.27 -6.45
N ALA A 215 -4.65 11.08 -5.62
CA ALA A 215 -3.29 10.96 -6.12
C ALA A 215 -3.11 9.67 -6.90
N ASP A 216 -3.50 8.54 -6.31
CA ASP A 216 -3.21 7.24 -6.93
C ASP A 216 -4.13 6.89 -8.10
N LEU A 217 -5.41 7.20 -8.00
CA LEU A 217 -6.30 7.15 -9.17
C LEU A 217 -5.76 8.09 -10.22
N GLY A 218 -5.35 9.29 -9.78
CA GLY A 218 -4.66 10.29 -10.63
C GLY A 218 -3.46 9.79 -11.38
N HIS A 219 -2.63 8.96 -10.74
CA HIS A 219 -1.49 8.32 -11.44
C HIS A 219 -1.99 7.32 -12.49
N ILE A 220 -3.06 6.58 -12.19
CA ILE A 220 -3.67 5.68 -13.20
C ILE A 220 -4.16 6.50 -14.39
N LEU A 221 -4.83 7.62 -14.14
CA LEU A 221 -5.37 8.47 -15.23
C LEU A 221 -4.29 9.08 -16.13
N GLU A 222 -3.23 9.58 -15.50
CA GLU A 222 -2.12 10.20 -16.22
C GLU A 222 -1.32 9.17 -17.04
N HIS A 223 -1.06 8.00 -16.48
CA HIS A 223 -0.33 6.94 -17.23
C HIS A 223 -1.18 6.22 -18.26
N SER A 224 -2.49 6.17 -18.03
CA SER A 224 -3.42 5.53 -18.96
C SER A 224 -3.99 6.51 -19.99
N GLN A 225 -3.72 7.82 -19.83
CA GLN A 225 -4.27 8.88 -20.73
C GLN A 225 -5.82 8.91 -20.79
N VAL A 226 -6.47 8.67 -19.65
CA VAL A 226 -7.95 8.62 -19.55
C VAL A 226 -8.39 9.49 -18.40
N GLY A 227 -9.70 9.65 -18.24
CA GLY A 227 -10.27 10.44 -17.15
C GLY A 227 -11.13 9.60 -16.25
N ALA A 228 -11.73 10.24 -15.24
CA ALA A 228 -12.60 9.56 -14.30
C ALA A 228 -13.76 10.43 -13.82
N GLU A 229 -14.84 9.73 -13.47
CA GLU A 229 -15.98 10.26 -12.74
C GLU A 229 -16.25 9.37 -11.51
N VAL A 230 -16.12 9.94 -10.31
CA VAL A 230 -16.30 9.20 -9.06
C VAL A 230 -17.29 9.89 -8.14
N TRP A 231 -17.92 9.07 -7.29
CA TRP A 231 -18.97 9.46 -6.35
C TRP A 231 -18.47 9.17 -4.95
N LEU A 232 -18.28 10.25 -4.17
CA LEU A 232 -17.86 10.19 -2.78
C LEU A 232 -18.77 9.29 -1.97
N LYS A 233 -20.09 9.34 -2.23
CA LYS A 233 -21.04 8.49 -1.49
C LYS A 233 -20.76 6.98 -1.70
N ALA A 234 -20.23 6.60 -2.87
CA ALA A 234 -19.95 5.20 -3.20
C ALA A 234 -18.69 4.63 -2.54
N ILE A 235 -17.82 5.48 -2.02
CA ILE A 235 -16.53 5.01 -1.51
C ILE A 235 -16.77 4.22 -0.19
N PRO A 236 -16.23 2.99 -0.08
CA PRO A 236 -16.30 2.27 1.21
C PRO A 236 -15.73 3.11 2.37
N LYS A 237 -16.40 3.04 3.53
CA LYS A 237 -16.09 3.85 4.70
C LYS A 237 -16.25 2.97 5.92
N SER A 238 -15.34 3.13 6.87
CA SER A 238 -15.43 2.47 8.14
C SER A 238 -16.59 3.05 8.92
N GLU A 239 -16.92 2.42 10.04
CA GLU A 239 -17.98 2.96 10.89
C GLU A 239 -17.68 4.39 11.43
N VAL A 240 -16.44 4.63 11.84
CA VAL A 240 -16.02 5.96 12.31
C VAL A 240 -15.99 7.02 11.22
N VAL A 241 -15.41 6.67 10.08
CA VAL A 241 -15.33 7.60 8.96
C VAL A 241 -16.72 7.90 8.41
N SER A 242 -17.55 6.85 8.23
CA SER A 242 -18.94 7.01 7.77
C SER A 242 -19.73 7.97 8.69
N ALA A 243 -19.58 7.77 10.00
CA ALA A 243 -20.27 8.59 11.01
C ALA A 243 -19.95 10.08 10.89
N HIS A 244 -18.70 10.40 10.52
CA HIS A 244 -18.27 11.77 10.42
C HIS A 244 -18.20 12.25 8.98
N SER A 245 -18.74 11.50 8.01
CA SER A 245 -18.52 11.78 6.58
C SER A 245 -19.27 13.02 6.04
N GLN A 246 -20.14 13.63 6.84
CA GLN A 246 -20.72 14.93 6.47
C GLN A 246 -19.72 16.07 6.59
N GLU A 247 -18.66 15.90 7.39
CA GLU A 247 -17.71 16.98 7.64
C GLU A 247 -16.72 17.06 6.51
N VAL A 248 -16.42 18.27 6.07
CA VAL A 248 -15.54 18.43 4.91
C VAL A 248 -14.12 17.96 5.19
N ALA A 249 -13.64 18.16 6.42
CA ALA A 249 -12.30 17.68 6.80
C ALA A 249 -12.17 16.17 6.65
N ILE A 250 -13.24 15.45 6.99
CA ILE A 250 -13.29 14.01 6.84
C ILE A 250 -13.43 13.61 5.36
N GLN A 251 -14.22 14.34 4.57
CA GLN A 251 -14.32 14.07 3.12
C GLN A 251 -12.96 14.23 2.40
N LYS A 252 -12.17 15.22 2.81
CA LYS A 252 -10.78 15.38 2.34
C LYS A 252 -9.92 14.16 2.67
N ILE A 254 -11.03 11.02 3.13
CA ILE A 254 -11.52 9.88 2.36
C ILE A 254 -10.94 9.92 0.94
N LEU A 255 -10.96 11.11 0.34
CA LEU A 255 -10.50 11.30 -1.03
C LEU A 255 -8.98 11.40 -1.19
N SER A 256 -8.27 11.94 -0.20
CA SER A 256 -6.82 12.14 -0.36
C SER A 256 -5.98 11.97 0.92
N GLY A 257 -6.48 11.19 1.87
CA GLY A 257 -5.69 10.83 3.04
C GLY A 257 -4.56 9.86 2.66
N GLY A 258 -3.45 9.95 3.36
CA GLY A 258 -2.38 9.00 3.12
C GLY A 258 -2.65 7.61 3.69
N ASP A 259 -1.90 6.62 3.21
CA ASP A 259 -1.62 5.39 3.96
C ASP A 259 -2.80 4.40 4.11
N ASP A 260 -3.73 4.39 3.16
CA ASP A 260 -4.83 3.41 3.20
C ASP A 260 -4.31 1.99 2.85
N TYR A 261 -3.57 1.88 1.77
CA TYR A 261 -3.02 0.58 1.29
C TYR A 261 -4.12 -0.43 0.90
N GLU A 262 -5.24 0.11 0.39
CA GLU A 262 -6.19 -0.66 -0.39
C GLU A 262 -5.83 -0.58 -1.85
N LEU A 263 -6.43 -1.41 -2.68
CA LEU A 263 -6.25 -1.34 -4.11
C LEU A 263 -7.34 -0.47 -4.74
N CYS A 264 -6.92 0.38 -5.67
CA CYS A 264 -7.83 1.00 -6.62
C CYS A 264 -7.57 0.28 -7.91
N PHE A 265 -8.60 -0.34 -8.50
CA PHE A 265 -8.42 -1.08 -9.74
C PHE A 265 -9.58 -0.83 -10.66
N THR A 266 -9.37 -1.13 -11.94
CA THR A 266 -10.40 -0.87 -12.92
C THR A 266 -10.66 -2.15 -13.71
N ALA A 267 -11.87 -2.31 -14.19
CA ALA A 267 -12.29 -3.55 -14.80
C ALA A 267 -13.54 -3.32 -15.63
N SER A 268 -13.71 -4.15 -16.64
CA SER A 268 -14.89 -4.08 -17.49
C SER A 268 -16.12 -4.31 -16.63
N THR A 269 -17.23 -3.65 -16.97
CA THR A 269 -18.50 -3.85 -16.28
C THR A 269 -19.00 -5.31 -16.40
N GLN A 270 -18.53 -6.04 -17.42
CA GLN A 270 -18.84 -7.47 -17.61
CA GLN A 270 -18.82 -7.46 -17.62
C GLN A 270 -18.43 -8.30 -16.41
N HIS A 271 -17.30 -7.96 -15.79
CA HIS A 271 -16.80 -8.74 -14.65
C HIS A 271 -17.31 -8.31 -13.25
N ARG A 272 -18.25 -7.36 -13.16
CA ARG A 272 -18.77 -6.86 -11.88
C ARG A 272 -19.12 -7.93 -10.87
N GLN A 273 -19.91 -8.90 -11.31
CA GLN A 273 -20.43 -9.92 -10.43
C GLN A 273 -19.31 -10.82 -9.91
N GLN A 274 -18.43 -11.28 -10.81
CA GLN A 274 -17.31 -12.13 -10.38
CA GLN A 274 -17.28 -12.11 -10.43
C GLN A 274 -16.41 -11.40 -9.39
N ILE A 275 -16.15 -10.11 -9.62
CA ILE A 275 -15.28 -9.31 -8.74
C ILE A 275 -15.94 -9.07 -7.36
N ALA A 276 -17.22 -8.73 -7.33
CA ALA A 276 -17.96 -8.66 -6.05
C ALA A 276 -17.89 -9.98 -5.27
N ASP A 277 -18.02 -11.10 -5.98
CA ASP A 277 -17.93 -12.42 -5.36
C ASP A 277 -16.54 -12.71 -4.74
N ILE A 278 -15.49 -12.34 -5.44
CA ILE A 278 -14.11 -12.44 -4.90
C ILE A 278 -13.94 -11.62 -3.63
N GLY A 279 -14.47 -10.39 -3.66
CA GLY A 279 -14.44 -9.48 -2.51
C GLY A 279 -15.07 -10.07 -1.26
N ARG A 280 -16.23 -10.69 -1.42
CA ARG A 280 -16.93 -11.37 -0.31
CA ARG A 280 -16.91 -11.34 -0.29
C ARG A 280 -16.19 -12.65 0.11
N GLN A 281 -15.67 -13.40 -0.87
CA GLN A 281 -14.89 -14.62 -0.56
C GLN A 281 -13.64 -14.34 0.28
N LEU A 282 -13.04 -13.16 0.11
CA LEU A 282 -11.88 -12.75 0.91
C LEU A 282 -12.22 -11.89 2.12
N SER A 283 -13.50 -11.68 2.41
CA SER A 283 -13.97 -10.88 3.57
C SER A 283 -13.57 -9.41 3.47
N LEU A 284 -13.65 -8.86 2.26
CA LEU A 284 -13.30 -7.48 2.00
C LEU A 284 -14.60 -6.73 1.81
N ASP A 285 -14.57 -5.40 1.97
CA ASP A 285 -15.70 -4.50 1.78
C ASP A 285 -15.41 -3.61 0.57
N ALA A 287 -16.20 -1.76 -3.32
CA ALA A 287 -17.32 -1.14 -4.06
C ALA A 287 -16.82 -0.55 -5.35
N VAL A 288 -17.71 -0.50 -6.35
CA VAL A 288 -17.48 0.27 -7.57
C VAL A 288 -17.78 1.73 -7.19
N ILE A 289 -16.80 2.61 -7.34
CA ILE A 289 -16.94 4.01 -6.94
C ILE A 289 -17.24 4.95 -8.11
N GLY A 290 -17.10 4.45 -9.32
CA GLY A 290 -17.26 5.29 -10.49
C GLY A 290 -16.83 4.65 -11.79
N ARG A 291 -16.50 5.49 -12.76
CA ARG A 291 -16.20 5.02 -14.11
C ARG A 291 -15.04 5.79 -14.75
N ILE A 292 -14.20 5.07 -15.49
CA ILE A 292 -13.17 5.72 -16.32
CA ILE A 292 -13.16 5.68 -16.32
C ILE A 292 -13.85 6.22 -17.57
N THR A 293 -13.48 7.43 -17.97
CA THR A 293 -14.11 8.13 -19.10
C THR A 293 -13.06 8.44 -20.15
N ASP A 294 -13.55 8.72 -21.36
CA ASP A 294 -12.69 9.12 -22.48
CA ASP A 294 -12.73 9.16 -22.51
C ASP A 294 -12.11 10.53 -22.29
N THR A 295 -12.89 11.44 -21.71
CA THR A 295 -12.47 12.81 -21.46
C THR A 295 -11.57 12.80 -20.23
N GLN A 296 -10.32 13.26 -20.37
CA GLN A 296 -9.28 13.01 -19.38
C GLN A 296 -9.23 14.03 -18.20
N GLN A 297 -10.41 14.30 -17.61
CA GLN A 297 -10.57 15.07 -16.38
C GLN A 297 -10.86 14.10 -15.26
N LEU A 298 -10.63 14.55 -14.03
CA LEU A 298 -11.12 13.86 -12.82
C LEU A 298 -12.22 14.68 -12.16
N VAL A 299 -13.46 14.26 -12.35
CA VAL A 299 -14.63 14.90 -11.72
C VAL A 299 -15.10 14.14 -10.47
N ILE A 300 -15.29 14.85 -9.36
CA ILE A 300 -15.65 14.25 -8.07
C ILE A 300 -17.01 14.77 -7.61
N HIS A 301 -18.00 13.88 -7.59
CA HIS A 301 -19.31 14.18 -7.01
C HIS A 301 -19.30 14.04 -5.49
N GLY A 302 -19.57 15.15 -4.79
CA GLY A 302 -19.72 15.14 -3.32
C GLY A 302 -21.02 14.47 -2.89
N LEU A 303 -21.34 14.56 -1.60
CA LEU A 303 -22.51 13.82 -1.05
C LEU A 303 -23.86 14.27 -1.61
N ASP A 304 -24.00 15.57 -1.90
CA ASP A 304 -25.16 16.09 -2.66
C ASP A 304 -25.12 15.87 -4.21
N ASP A 305 -24.17 15.04 -4.70
CA ASP A 305 -23.94 14.69 -6.11
CA ASP A 305 -24.01 14.70 -6.13
C ASP A 305 -23.46 15.85 -7.02
N ALA A 306 -23.11 17.00 -6.42
CA ALA A 306 -22.63 18.17 -7.17
C ALA A 306 -21.14 18.00 -7.53
N PRO A 307 -20.77 18.19 -8.82
CA PRO A 307 -19.39 17.90 -9.24
C PRO A 307 -18.39 19.03 -8.97
N LEU A 308 -17.11 18.68 -8.91
CA LEU A 308 -15.98 19.63 -8.93
C LEU A 308 -14.88 18.95 -9.72
N THR A 309 -14.04 19.72 -10.43
CA THR A 309 -12.92 19.16 -11.22
C THR A 309 -11.58 19.30 -10.46
#